data_3RRX
#
_entry.id   3RRX
#
_cell.length_a   68.247
_cell.length_b   178.601
_cell.length_c   176.047
_cell.angle_alpha   90.00
_cell.angle_beta   90.00
_cell.angle_gamma   90.00
#
_symmetry.space_group_name_H-M   'C 2 2 21'
#
loop_
_entity.id
_entity.type
_entity.pdbx_description
1 polymer Exo-1,3/1,4-beta-glucanase
2 non-polymer 'CALCIUM ION'
3 non-polymer 'SODIUM ION'
4 non-polymer 1,2-ETHANEDIOL
5 water water
#
_entity_poly.entity_id   1
_entity_poly.type   'polypeptide(L)'
_entity_poly.pdbx_seq_one_letter_code
;MAEHEQVNWPYVNTKLKRDPAVEAQIEKLLAKMTIEQKVAQMIQPEIGYLTVEQMRKYGFGSYLNGGNTAPYGNKRADQA
TWLKYADEMYLAAMDSTLDGIAIPTVWGTDAMHGHSNVYGATLFPHNIGLGAARDTDLIKRIGQATAKEVAATGIEWSFA
PTVAVVRDDRWGRTYESYSEDPDLVKRYAGEMVTGIQGDVGADFLKGSNRIATAKHFVGDGGTERGVDRGNTLIDEKGLR
DIHSAGYFSAINQGVQSVMASFNSWNGKRVHGDKHLLTDVLKNQLGFDGFVVSDWNAHKFVEGCDLEQCAQAINAGVDVI
MVPEHFEAFYHNTVKQVKAGVIAESRINDAVRRFLRAKIRWGVFTKSKPSARPESQHPQWLGAAEHRTLAREAVRKSLVL
LKNNESILPIKASSRILVAGKGANAINMQAGGWSVSWQGTDNTNSDFPNATSIFSGLQSQVTKAGGKITLSESGEYTSKP
DVAIVVIGEEPYAEWFGDIELLEFQHETKHALALLKQLKADNIPVVTVFLSGRPLWVNKELNASDAFVAAWLPGSEGEGV
ADVLLTNKQGKTQFDFTGKLSFSWPKYDDQFTLNLNDADYDPLFAYGYGLTYQDNINVPVLSEKTSPKKTVNSDSHPLFV
RSLAKNMTWQLADTSTQKVLASGASATSGDKQSLLMQSVNLSYAEDGRGFNWRAQAALSLSYLEPTPLDSKFSTGYLELK
MRIDKAPEQGANLQVMCSESNCLRDIDFSSFSQLMADKSWHTLAIPLHCDDSDQAEQPITDALRITSQNLSLAIADVALT
IKPSDDSISLTCAKLEHHHHHH
;
_entity_poly.pdbx_strand_id   A
#
loop_
_chem_comp.id
_chem_comp.type
_chem_comp.name
_chem_comp.formula
CA non-polymer 'CALCIUM ION' 'Ca 2'
EDO non-polymer 1,2-ETHANEDIOL 'C2 H6 O2'
NA non-polymer 'SODIUM ION' 'Na 1'
#
# COMPACT_ATOMS: atom_id res chain seq x y z
N VAL A 7 30.49 5.35 5.66
CA VAL A 7 29.43 4.42 6.08
C VAL A 7 29.31 3.27 5.08
N ASN A 8 29.46 2.05 5.57
CA ASN A 8 29.37 0.88 4.70
C ASN A 8 28.00 0.22 4.76
N TRP A 9 27.40 0.05 3.59
CA TRP A 9 26.12 -0.63 3.47
C TRP A 9 26.37 -2.08 3.04
N PRO A 10 25.57 -3.02 3.54
CA PRO A 10 25.79 -4.43 3.20
C PRO A 10 25.32 -4.77 1.78
N TYR A 11 26.00 -5.71 1.13
CA TYR A 11 25.54 -6.23 -0.15
C TYR A 11 24.38 -7.20 0.13
N VAL A 12 23.22 -6.94 -0.47
CA VAL A 12 22.03 -7.72 -0.13
C VAL A 12 21.37 -8.42 -1.32
N ASN A 13 21.97 -8.32 -2.50
CA ASN A 13 21.45 -9.04 -3.66
C ASN A 13 22.05 -10.44 -3.75
N THR A 14 21.84 -11.26 -2.73
CA THR A 14 22.60 -12.51 -2.63
C THR A 14 21.95 -13.75 -3.24
N LYS A 15 20.70 -13.65 -3.69
CA LYS A 15 20.00 -14.84 -4.18
C LYS A 15 19.82 -14.90 -5.69
N LEU A 16 19.32 -13.82 -6.28
CA LEU A 16 18.99 -13.82 -7.70
C LEU A 16 20.25 -13.82 -8.57
N LYS A 17 20.33 -14.81 -9.47
CA LYS A 17 21.43 -14.82 -10.44
C LYS A 17 20.86 -14.44 -11.79
N ARG A 18 21.64 -13.71 -12.57
CA ARG A 18 21.23 -13.33 -13.91
C ARG A 18 21.03 -14.57 -14.77
N ASP A 19 20.15 -14.44 -15.77
CA ASP A 19 19.92 -15.50 -16.76
C ASP A 19 20.69 -15.15 -18.03
N PRO A 20 21.72 -15.95 -18.36
CA PRO A 20 22.60 -15.63 -19.49
C PRO A 20 21.82 -15.44 -20.80
N ALA A 21 20.78 -16.24 -21.00
CA ALA A 21 19.95 -16.10 -22.20
C ALA A 21 19.29 -14.73 -22.26
N VAL A 22 18.79 -14.27 -21.12
CA VAL A 22 18.16 -12.96 -21.05
C VAL A 22 19.20 -11.87 -21.33
N GLU A 23 20.37 -12.00 -20.72
CA GLU A 23 21.43 -11.00 -20.88
C GLU A 23 21.91 -10.96 -22.34
N ALA A 24 21.94 -12.13 -22.98
CA ALA A 24 22.31 -12.20 -24.40
C ALA A 24 21.35 -11.38 -25.24
N GLN A 25 20.05 -11.53 -24.98
CA GLN A 25 19.03 -10.80 -25.72
C GLN A 25 19.13 -9.28 -25.52
N ILE A 26 19.34 -8.86 -24.28
CA ILE A 26 19.51 -7.45 -23.99
C ILE A 26 20.67 -6.86 -24.81
N GLU A 27 21.81 -7.54 -24.82
CA GLU A 27 22.97 -6.99 -25.53
C GLU A 27 22.74 -6.88 -27.04
N LYS A 28 22.07 -7.87 -27.62
CA LYS A 28 21.75 -7.84 -29.05
C LYS A 28 20.80 -6.68 -29.36
N LEU A 29 19.80 -6.46 -28.50
CA LEU A 29 18.88 -5.34 -28.67
C LEU A 29 19.58 -3.99 -28.55
N LEU A 30 20.36 -3.82 -27.48
CA LEU A 30 21.04 -2.56 -27.25
C LEU A 30 21.94 -2.19 -28.42
N ALA A 31 22.69 -3.17 -28.91
CA ALA A 31 23.66 -2.93 -29.98
C ALA A 31 23.02 -2.32 -31.24
N LYS A 32 21.74 -2.60 -31.45
CA LYS A 32 21.08 -2.12 -32.65
C LYS A 32 20.13 -0.94 -32.42
N MET A 33 19.87 -0.59 -31.16
CA MET A 33 18.93 0.49 -30.89
C MET A 33 19.53 1.88 -31.08
N THR A 34 18.71 2.82 -31.52
CA THR A 34 19.13 4.22 -31.61
C THR A 34 18.99 4.88 -30.24
N ILE A 35 19.59 6.06 -30.10
CA ILE A 35 19.38 6.86 -28.90
C ILE A 35 17.89 7.06 -28.65
N GLU A 36 17.15 7.35 -29.73
CA GLU A 36 15.72 7.61 -29.62
C GLU A 36 14.96 6.41 -29.06
N GLN A 37 15.29 5.23 -29.57
CA GLN A 37 14.64 4.01 -29.10
C GLN A 37 14.99 3.71 -27.63
N LYS A 38 16.24 3.98 -27.25
CA LYS A 38 16.65 3.75 -25.87
C LYS A 38 15.90 4.66 -24.91
N VAL A 39 15.82 5.94 -25.26
CA VAL A 39 15.13 6.89 -24.40
C VAL A 39 13.63 6.54 -24.28
N ALA A 40 13.03 6.07 -25.36
CA ALA A 40 11.62 5.70 -25.33
C ALA A 40 11.34 4.63 -24.25
N GLN A 41 12.27 3.69 -24.09
CA GLN A 41 12.14 2.65 -23.09
C GLN A 41 12.08 3.23 -21.67
N MET A 42 12.69 4.40 -21.48
CA MET A 42 12.85 5.00 -20.14
C MET A 42 11.70 5.93 -19.73
N ILE A 43 10.78 6.19 -20.65
CA ILE A 43 9.70 7.15 -20.41
CA ILE A 43 9.71 7.14 -20.36
C ILE A 43 8.37 6.43 -20.18
N GLN A 44 7.64 6.85 -19.14
CA GLN A 44 6.35 6.24 -18.79
C GLN A 44 5.20 7.24 -18.73
N PRO A 45 4.36 7.26 -19.79
CA PRO A 45 3.11 8.03 -19.86
C PRO A 45 2.03 7.37 -19.01
N GLU A 46 0.95 8.11 -18.73
CA GLU A 46 -0.18 7.59 -17.98
C GLU A 46 -1.43 7.61 -18.87
N ILE A 47 -2.32 6.63 -18.68
CA ILE A 47 -3.42 6.42 -19.62
C ILE A 47 -4.42 7.57 -19.74
N GLY A 48 -4.47 8.45 -18.73
CA GLY A 48 -5.32 9.61 -18.82
C GLY A 48 -4.84 10.60 -19.88
N TYR A 49 -3.60 10.43 -20.34
CA TYR A 49 -2.99 11.40 -21.25
C TYR A 49 -2.45 10.76 -22.52
N LEU A 50 -2.35 9.44 -22.54
CA LEU A 50 -1.71 8.74 -23.63
C LEU A 50 -2.72 8.27 -24.68
N THR A 51 -2.35 8.35 -25.95
CA THR A 51 -3.16 7.75 -27.01
C THR A 51 -2.45 6.54 -27.59
N VAL A 52 -3.22 5.64 -28.21
CA VAL A 52 -2.65 4.51 -28.93
C VAL A 52 -1.71 5.02 -30.03
N GLU A 53 -2.11 6.10 -30.70
CA GLU A 53 -1.27 6.64 -31.78
C GLU A 53 0.11 7.07 -31.25
N GLN A 54 0.14 7.60 -30.04
CA GLN A 54 1.42 8.02 -29.46
C GLN A 54 2.28 6.81 -29.12
N MET A 55 1.64 5.72 -28.70
CA MET A 55 2.37 4.49 -28.42
C MET A 55 2.97 3.92 -29.71
N ARG A 56 2.21 4.00 -30.79
CA ARG A 56 2.70 3.53 -32.09
CA ARG A 56 2.69 3.53 -32.09
C ARG A 56 3.89 4.37 -32.53
N LYS A 57 3.78 5.68 -32.33
CA LYS A 57 4.82 6.61 -32.77
C LYS A 57 6.13 6.48 -32.00
N TYR A 58 6.04 6.27 -30.69
CA TYR A 58 7.21 6.34 -29.79
C TYR A 58 7.65 4.99 -29.22
N GLY A 59 6.71 4.07 -29.02
CA GLY A 59 7.06 2.76 -28.50
C GLY A 59 7.57 2.82 -27.06
N PHE A 60 6.93 3.63 -26.22
CA PHE A 60 7.33 3.77 -24.83
C PHE A 60 7.52 2.41 -24.14
N GLY A 61 8.51 2.33 -23.26
CA GLY A 61 8.82 1.08 -22.58
C GLY A 61 7.75 0.58 -21.62
N SER A 62 6.93 1.49 -21.11
CA SER A 62 5.85 1.13 -20.20
C SER A 62 4.84 2.25 -20.17
N TYR A 63 3.68 1.98 -19.58
CA TYR A 63 2.69 3.02 -19.36
C TYR A 63 1.94 2.72 -18.04
N LEU A 64 1.34 3.74 -17.47
CA LEU A 64 0.81 3.65 -16.12
C LEU A 64 -0.71 3.68 -16.06
N ASN A 65 -1.27 2.74 -15.29
CA ASN A 65 -2.65 2.82 -14.84
C ASN A 65 -2.72 3.71 -13.60
N GLY A 66 -2.96 5.00 -13.81
CA GLY A 66 -2.81 5.97 -12.74
C GLY A 66 -3.87 5.80 -11.67
N GLY A 67 -5.00 5.24 -12.05
CA GLY A 67 -6.04 4.90 -11.08
C GLY A 67 -7.22 5.85 -11.08
N ASN A 68 -7.07 7.00 -11.74
CA ASN A 68 -8.12 8.00 -11.74
C ASN A 68 -9.23 7.65 -12.72
N THR A 69 -8.89 6.88 -13.76
CA THR A 69 -9.89 6.43 -14.73
C THR A 69 -9.61 5.01 -15.19
N ALA A 70 -10.66 4.28 -15.54
CA ALA A 70 -10.49 2.98 -16.19
C ALA A 70 -10.19 3.26 -17.66
N PRO A 71 -9.74 2.23 -18.39
CA PRO A 71 -9.44 2.42 -19.82
C PRO A 71 -10.63 2.95 -20.61
N TYR A 72 -10.33 3.80 -21.59
CA TYR A 72 -11.35 4.37 -22.47
C TYR A 72 -12.20 5.42 -21.76
N GLY A 73 -11.87 5.70 -20.50
CA GLY A 73 -12.59 6.73 -19.76
C GLY A 73 -13.71 6.19 -18.87
N ASN A 74 -14.02 4.90 -19.01
CA ASN A 74 -14.98 4.26 -18.13
C ASN A 74 -14.57 4.46 -16.67
N LYS A 75 -15.54 4.40 -15.76
CA LYS A 75 -15.23 4.38 -14.33
C LYS A 75 -15.10 2.93 -13.90
N ARG A 76 -15.92 2.10 -14.53
CA ARG A 76 -15.92 0.67 -14.28
C ARG A 76 -15.87 0.02 -15.65
N ALA A 77 -15.15 -1.10 -15.76
CA ALA A 77 -15.00 -1.77 -17.03
C ALA A 77 -14.89 -3.27 -16.86
N ASP A 78 -15.55 -4.00 -17.76
CA ASP A 78 -15.47 -5.45 -17.88
C ASP A 78 -14.01 -5.87 -18.11
N GLN A 79 -13.69 -7.11 -17.79
CA GLN A 79 -12.36 -7.61 -18.05
C GLN A 79 -12.03 -7.50 -19.54
N ALA A 80 -13.02 -7.77 -20.38
CA ALA A 80 -12.80 -7.73 -21.82
C ALA A 80 -12.34 -6.33 -22.24
N THR A 81 -12.81 -5.31 -21.53
CA THR A 81 -12.46 -3.94 -21.88
C THR A 81 -11.01 -3.62 -21.46
N TRP A 82 -10.66 -4.02 -20.24
CA TRP A 82 -9.25 -3.91 -19.81
C TRP A 82 -8.33 -4.61 -20.78
N LEU A 83 -8.69 -5.84 -21.15
CA LEU A 83 -7.82 -6.63 -22.04
C LEU A 83 -7.78 -6.09 -23.45
N LYS A 84 -8.88 -5.49 -23.90
CA LYS A 84 -8.87 -4.87 -25.24
C LYS A 84 -7.89 -3.69 -25.25
N TYR A 85 -7.93 -2.87 -24.21
CA TYR A 85 -7.02 -1.75 -24.08
C TYR A 85 -5.59 -2.24 -24.03
N ALA A 86 -5.34 -3.29 -23.25
CA ALA A 86 -4.00 -3.85 -23.13
C ALA A 86 -3.50 -4.34 -24.48
N ASP A 87 -4.38 -5.03 -25.22
CA ASP A 87 -4.02 -5.53 -26.56
C ASP A 87 -3.65 -4.38 -27.50
N GLU A 88 -4.44 -3.31 -27.49
CA GLU A 88 -4.20 -2.20 -28.40
C GLU A 88 -2.82 -1.60 -28.15
N MET A 89 -2.51 -1.31 -26.90
CA MET A 89 -1.20 -0.76 -26.55
C MET A 89 -0.08 -1.75 -26.88
N TYR A 90 -0.30 -3.01 -26.57
CA TYR A 90 0.69 -4.05 -26.87
C TYR A 90 0.99 -4.09 -28.38
N LEU A 91 -0.05 -4.07 -29.20
CA LEU A 91 0.12 -4.15 -30.65
C LEU A 91 0.73 -2.87 -31.24
N ALA A 92 0.37 -1.72 -30.70
CA ALA A 92 0.95 -0.46 -31.11
C ALA A 92 2.46 -0.46 -30.84
N ALA A 93 2.84 -1.00 -29.68
CA ALA A 93 4.26 -1.11 -29.33
C ALA A 93 4.98 -2.13 -30.20
N MET A 94 4.28 -3.18 -30.62
CA MET A 94 4.93 -4.21 -31.44
C MET A 94 4.95 -3.82 -32.92
N ASP A 95 4.27 -2.72 -33.26
CA ASP A 95 4.31 -2.20 -34.61
C ASP A 95 5.60 -1.39 -34.79
N SER A 96 6.52 -1.86 -35.64
CA SER A 96 7.80 -1.18 -35.78
C SER A 96 7.75 0.01 -36.75
N THR A 97 6.58 0.26 -37.31
CA THR A 97 6.38 1.45 -38.13
C THR A 97 6.57 2.70 -37.28
N LEU A 98 7.09 3.76 -37.90
CA LEU A 98 7.27 5.05 -37.21
C LEU A 98 8.53 5.10 -36.32
N ASP A 99 8.67 4.17 -35.37
CA ASP A 99 9.80 4.24 -34.44
C ASP A 99 10.92 3.22 -34.70
N GLY A 100 10.63 2.21 -35.51
CA GLY A 100 11.68 1.35 -36.05
C GLY A 100 12.09 0.11 -35.28
N ILE A 101 11.33 -0.27 -34.25
CA ILE A 101 11.70 -1.47 -33.50
C ILE A 101 10.47 -2.11 -32.88
N ALA A 102 10.56 -3.38 -32.50
CA ALA A 102 9.40 -4.05 -31.91
C ALA A 102 9.72 -4.57 -30.51
N ILE A 103 9.70 -3.68 -29.54
CA ILE A 103 9.89 -4.04 -28.14
C ILE A 103 8.56 -3.92 -27.42
N PRO A 104 8.07 -5.04 -26.87
CA PRO A 104 6.77 -5.01 -26.18
C PRO A 104 6.80 -4.05 -24.98
N THR A 105 5.76 -3.26 -24.82
CA THR A 105 5.61 -2.39 -23.65
C THR A 105 4.96 -3.19 -22.52
N VAL A 106 4.88 -2.62 -21.33
CA VAL A 106 4.15 -3.22 -20.22
C VAL A 106 3.33 -2.17 -19.50
N TRP A 107 2.25 -2.63 -18.90
CA TRP A 107 1.33 -1.79 -18.16
C TRP A 107 1.68 -1.95 -16.68
N GLY A 108 1.74 -0.84 -15.95
CA GLY A 108 2.00 -0.89 -14.51
C GLY A 108 0.91 -0.25 -13.67
N THR A 109 0.84 -0.63 -12.40
CA THR A 109 -0.18 -0.12 -11.52
C THR A 109 0.29 -0.13 -10.07
N ASP A 110 -0.22 0.80 -9.27
CA ASP A 110 0.06 0.82 -7.84
C ASP A 110 -0.86 -0.24 -7.19
N ALA A 111 -0.35 -1.00 -6.24
CA ALA A 111 -1.18 -2.01 -5.55
C ALA A 111 -1.08 -1.85 -4.04
N MET A 112 -1.72 -0.81 -3.51
CA MET A 112 -1.55 -0.38 -2.11
C MET A 112 -2.05 -1.44 -1.12
N HIS A 113 -3.22 -2.01 -1.37
CA HIS A 113 -3.73 -3.06 -0.48
C HIS A 113 -4.64 -3.99 -1.28
N GLY A 114 -4.02 -4.69 -2.22
CA GLY A 114 -4.72 -5.37 -3.29
C GLY A 114 -4.62 -4.53 -4.55
N HIS A 115 -5.36 -4.90 -5.60
CA HIS A 115 -5.38 -4.16 -6.85
C HIS A 115 -6.33 -2.99 -6.63
N SER A 116 -5.95 -2.09 -5.72
CA SER A 116 -6.93 -1.24 -5.07
C SER A 116 -7.41 -0.02 -5.86
N ASN A 117 -6.80 0.26 -6.99
CA ASN A 117 -7.29 1.32 -7.89
C ASN A 117 -8.51 0.87 -8.68
N VAL A 118 -8.77 -0.44 -8.65
CA VAL A 118 -9.74 -1.03 -9.57
C VAL A 118 -11.07 -1.45 -8.94
N TYR A 119 -12.15 -0.97 -9.53
CA TYR A 119 -13.49 -1.33 -9.09
C TYR A 119 -13.67 -2.83 -9.07
N GLY A 120 -14.16 -3.36 -7.95
CA GLY A 120 -14.39 -4.79 -7.80
C GLY A 120 -13.23 -5.59 -7.18
N ALA A 121 -12.07 -4.95 -7.01
CA ALA A 121 -10.93 -5.67 -6.43
C ALA A 121 -11.14 -5.97 -4.95
N THR A 122 -10.58 -7.08 -4.49
CA THR A 122 -10.51 -7.36 -3.06
C THR A 122 -9.65 -6.29 -2.37
N LEU A 123 -10.15 -5.70 -1.29
CA LEU A 123 -9.33 -4.74 -0.54
C LEU A 123 -8.85 -5.36 0.77
N PHE A 124 -7.55 -5.61 0.87
CA PHE A 124 -6.96 -6.16 2.08
C PHE A 124 -6.80 -5.04 3.11
N PRO A 125 -6.63 -5.40 4.39
CA PRO A 125 -6.30 -4.37 5.38
C PRO A 125 -5.06 -3.60 4.93
N HIS A 126 -5.03 -2.30 5.22
CA HIS A 126 -3.81 -1.54 4.95
C HIS A 126 -2.69 -2.08 5.82
N ASN A 127 -1.46 -1.73 5.47
CA ASN A 127 -0.26 -2.32 6.06
C ASN A 127 -0.15 -2.25 7.60
N ILE A 128 -0.59 -1.15 8.19
CA ILE A 128 -0.42 -1.02 9.64
C ILE A 128 -1.09 -2.20 10.38
N GLY A 129 -2.30 -2.55 9.95
CA GLY A 129 -3.00 -3.70 10.51
C GLY A 129 -2.35 -5.04 10.16
N LEU A 130 -1.81 -5.18 8.95
CA LEU A 130 -1.09 -6.38 8.59
C LEU A 130 0.14 -6.55 9.49
N GLY A 131 0.78 -5.45 9.85
CA GLY A 131 1.90 -5.46 10.77
C GLY A 131 1.47 -5.97 12.14
N ALA A 132 0.32 -5.50 12.62
CA ALA A 132 -0.23 -6.01 13.89
C ALA A 132 -0.46 -7.54 13.88
N ALA A 133 -0.75 -8.09 12.71
CA ALA A 133 -1.04 -9.52 12.57
C ALA A 133 0.15 -10.43 12.88
N ARG A 134 1.37 -9.90 12.71
CA ARG A 134 2.61 -10.68 12.89
C ARG A 134 2.56 -12.05 12.20
N ASP A 135 2.33 -12.05 10.90
CA ASP A 135 2.11 -13.32 10.20
C ASP A 135 2.72 -13.30 8.82
N THR A 136 3.97 -13.76 8.71
CA THR A 136 4.71 -13.67 7.45
C THR A 136 4.09 -14.50 6.33
N ASP A 137 3.49 -15.64 6.67
CA ASP A 137 2.86 -16.52 5.68
C ASP A 137 1.64 -15.81 5.08
N LEU A 138 0.90 -15.11 5.93
CA LEU A 138 -0.26 -14.34 5.50
C LEU A 138 0.15 -13.31 4.47
N ILE A 139 1.25 -12.59 4.75
CA ILE A 139 1.75 -11.58 3.83
C ILE A 139 2.05 -12.18 2.47
N LYS A 140 2.71 -13.33 2.45
CA LYS A 140 3.05 -13.97 1.18
C LYS A 140 1.78 -14.33 0.39
N ARG A 141 0.78 -14.86 1.07
CA ARG A 141 -0.46 -15.23 0.39
C ARG A 141 -1.20 -14.02 -0.17
N ILE A 142 -1.15 -12.90 0.56
CA ILE A 142 -1.74 -11.66 0.08
C ILE A 142 -1.04 -11.20 -1.20
N GLY A 143 0.29 -11.35 -1.22
CA GLY A 143 1.04 -11.07 -2.45
C GLY A 143 0.57 -11.95 -3.60
N GLN A 144 0.35 -13.23 -3.34
CA GLN A 144 -0.09 -14.17 -4.38
C GLN A 144 -1.48 -13.80 -4.90
N ALA A 145 -2.37 -13.44 -3.99
CA ALA A 145 -3.72 -13.05 -4.37
C ALA A 145 -3.68 -11.78 -5.19
N THR A 146 -2.88 -10.82 -4.74
CA THR A 146 -2.76 -9.54 -5.43
C THR A 146 -2.25 -9.73 -6.87
N ALA A 147 -1.24 -10.59 -7.06
CA ALA A 147 -0.72 -10.86 -8.40
C ALA A 147 -1.82 -11.36 -9.35
N LYS A 148 -2.67 -12.26 -8.86
CA LYS A 148 -3.77 -12.75 -9.69
C LYS A 148 -4.77 -11.64 -10.03
N GLU A 149 -5.13 -10.83 -9.05
CA GLU A 149 -6.13 -9.80 -9.30
C GLU A 149 -5.57 -8.77 -10.29
N VAL A 150 -4.28 -8.48 -10.18
CA VAL A 150 -3.62 -7.57 -11.13
C VAL A 150 -3.59 -8.20 -12.53
N ALA A 151 -3.23 -9.47 -12.60
CA ALA A 151 -3.16 -10.17 -13.89
C ALA A 151 -4.51 -10.20 -14.61
N ALA A 152 -5.58 -10.23 -13.83
CA ALA A 152 -6.95 -10.32 -14.35
C ALA A 152 -7.33 -9.05 -15.12
N THR A 153 -6.56 -7.99 -14.98
CA THR A 153 -6.84 -6.75 -15.71
C THR A 153 -5.84 -6.51 -16.84
N GLY A 154 -5.00 -7.50 -17.10
CA GLY A 154 -4.06 -7.40 -18.22
C GLY A 154 -2.81 -6.60 -17.88
N ILE A 155 -2.52 -6.47 -16.58
CA ILE A 155 -1.40 -5.65 -16.11
C ILE A 155 -0.24 -6.53 -15.64
N GLU A 156 0.98 -6.20 -16.04
CA GLU A 156 2.15 -7.05 -15.79
C GLU A 156 2.97 -6.65 -14.58
N TRP A 157 2.78 -5.42 -14.13
CA TRP A 157 3.70 -4.77 -13.21
C TRP A 157 2.91 -4.05 -12.12
N SER A 158 3.17 -4.41 -10.86
CA SER A 158 2.45 -3.81 -9.74
C SER A 158 3.40 -3.23 -8.70
N PHE A 159 3.04 -2.08 -8.12
CA PHE A 159 3.90 -1.45 -7.11
C PHE A 159 3.51 -1.94 -5.72
N ALA A 160 4.35 -2.80 -5.15
CA ALA A 160 4.17 -3.31 -3.79
C ALA A 160 5.38 -4.22 -3.58
N PRO A 161 5.88 -4.33 -2.34
CA PRO A 161 5.38 -3.75 -1.09
C PRO A 161 5.79 -2.30 -0.86
N THR A 162 5.17 -1.66 0.14
CA THR A 162 5.61 -0.38 0.65
C THR A 162 6.38 -0.66 1.94
N VAL A 163 7.63 -0.22 1.98
CA VAL A 163 8.53 -0.62 3.06
C VAL A 163 8.95 0.55 3.96
N ALA A 164 8.15 1.61 3.98
CA ALA A 164 8.42 2.71 4.90
C ALA A 164 8.43 2.21 6.33
N VAL A 165 9.30 2.81 7.15
CA VAL A 165 9.39 2.53 8.58
C VAL A 165 9.06 3.86 9.27
N VAL A 166 7.84 3.98 9.77
CA VAL A 166 7.31 5.28 10.13
C VAL A 166 7.61 5.61 11.59
N ARG A 167 8.23 6.77 11.79
CA ARG A 167 8.73 7.19 13.10
C ARG A 167 7.94 8.35 13.72
N ASP A 168 7.07 8.98 12.94
CA ASP A 168 6.25 10.09 13.42
C ASP A 168 4.86 9.94 12.80
N ASP A 169 3.87 9.59 13.62
CA ASP A 169 2.54 9.22 13.13
C ASP A 169 1.73 10.39 12.59
N ARG A 170 2.28 11.59 12.64
CA ARG A 170 1.59 12.73 12.03
C ARG A 170 1.53 12.62 10.50
N TRP A 171 2.41 11.81 9.92
CA TRP A 171 2.43 11.62 8.46
C TRP A 171 1.13 11.00 7.95
N GLY A 172 0.57 11.59 6.90
CA GLY A 172 -0.63 11.06 6.26
C GLY A 172 -0.48 9.74 5.53
N ARG A 173 0.74 9.21 5.45
CA ARG A 173 0.94 7.89 4.84
C ARG A 173 1.35 6.84 5.86
N THR A 174 1.17 7.13 7.14
CA THR A 174 1.53 6.17 8.19
C THR A 174 0.89 4.77 8.01
N TYR A 175 -0.36 4.73 7.57
CA TYR A 175 -1.04 3.44 7.46
C TYR A 175 -0.47 2.55 6.37
N GLU A 176 0.33 3.13 5.47
CA GLU A 176 0.96 2.36 4.40
C GLU A 176 2.18 1.58 4.90
N SER A 177 2.53 1.78 6.17
CA SER A 177 3.71 1.16 6.78
C SER A 177 3.29 0.01 7.70
N TYR A 178 4.02 -1.10 7.65
CA TYR A 178 3.74 -2.23 8.53
C TYR A 178 4.05 -1.93 10.00
N SER A 179 5.01 -1.05 10.24
CA SER A 179 5.51 -0.88 11.61
C SER A 179 6.46 0.29 11.78
N GLU A 180 6.55 0.81 13.00
CA GLU A 180 7.61 1.75 13.36
C GLU A 180 8.95 1.02 13.51
N ASP A 181 8.89 -0.30 13.60
CA ASP A 181 10.05 -1.15 13.90
C ASP A 181 10.69 -1.72 12.63
N PRO A 182 11.97 -1.38 12.36
CA PRO A 182 12.58 -1.90 11.13
C PRO A 182 12.65 -3.42 11.07
N ASP A 183 12.80 -4.09 12.22
CA ASP A 183 12.89 -5.55 12.23
C ASP A 183 11.65 -6.21 11.63
N LEU A 184 10.47 -5.68 11.97
CA LEU A 184 9.22 -6.21 11.43
C LEU A 184 9.09 -5.97 9.93
N VAL A 185 9.39 -4.75 9.49
CA VAL A 185 9.32 -4.46 8.06
C VAL A 185 10.27 -5.36 7.26
N LYS A 186 11.47 -5.60 7.81
CA LYS A 186 12.45 -6.50 7.18
C LYS A 186 11.89 -7.91 7.04
N ARG A 187 11.25 -8.42 8.09
CA ARG A 187 10.64 -9.75 8.06
C ARG A 187 9.58 -9.86 6.97
N TYR A 188 8.81 -8.80 6.78
CA TYR A 188 7.67 -8.81 5.87
C TYR A 188 8.00 -8.58 4.40
N ALA A 189 8.93 -7.66 4.14
CA ALA A 189 9.09 -7.13 2.79
C ALA A 189 9.39 -8.22 1.77
N GLY A 190 10.30 -9.13 2.12
CA GLY A 190 10.68 -10.21 1.21
C GLY A 190 9.53 -11.16 0.94
N GLU A 191 8.66 -11.34 1.94
CA GLU A 191 7.49 -12.21 1.78
C GLU A 191 6.53 -11.65 0.73
N MET A 192 6.26 -10.35 0.78
CA MET A 192 5.37 -9.72 -0.20
C MET A 192 5.98 -9.81 -1.60
N VAL A 193 7.29 -9.57 -1.70
CA VAL A 193 7.97 -9.64 -2.99
C VAL A 193 7.85 -11.03 -3.62
N THR A 194 8.14 -12.08 -2.85
CA THR A 194 8.05 -13.44 -3.38
C THR A 194 6.59 -13.86 -3.63
N GLY A 195 5.66 -13.31 -2.85
CA GLY A 195 4.25 -13.56 -3.08
C GLY A 195 3.83 -13.05 -4.46
N ILE A 196 4.32 -11.86 -4.80
CA ILE A 196 4.01 -11.27 -6.09
C ILE A 196 4.78 -11.84 -7.28
N GLN A 197 6.10 -11.97 -7.12
CA GLN A 197 6.98 -12.35 -8.23
C GLN A 197 7.24 -13.86 -8.33
N GLY A 198 6.93 -14.57 -7.25
CA GLY A 198 7.35 -15.96 -7.12
C GLY A 198 8.71 -16.00 -6.45
N ASP A 199 9.06 -17.14 -5.89
CA ASP A 199 10.39 -17.28 -5.29
C ASP A 199 11.48 -17.25 -6.35
N VAL A 200 12.67 -16.81 -5.94
CA VAL A 200 13.86 -17.00 -6.75
C VAL A 200 13.99 -18.49 -7.04
N GLY A 201 14.21 -18.82 -8.32
CA GLY A 201 14.28 -20.21 -8.74
C GLY A 201 13.45 -20.44 -9.99
N ALA A 202 13.01 -21.68 -10.17
CA ALA A 202 12.35 -22.08 -11.42
C ALA A 202 11.06 -21.32 -11.72
N ASP A 203 10.32 -20.92 -10.69
CA ASP A 203 9.03 -20.26 -10.91
CA ASP A 203 9.01 -20.26 -10.82
C ASP A 203 9.12 -18.74 -10.89
N PHE A 204 10.35 -18.21 -10.77
CA PHE A 204 10.57 -16.77 -10.75
C PHE A 204 9.96 -16.05 -11.95
N LEU A 205 9.02 -15.16 -11.65
CA LEU A 205 8.33 -14.34 -12.65
C LEU A 205 7.48 -15.11 -13.65
N LYS A 206 7.09 -16.34 -13.30
CA LYS A 206 6.32 -17.20 -14.22
C LYS A 206 4.81 -17.12 -14.00
N GLY A 207 4.05 -17.39 -15.05
CA GLY A 207 2.60 -17.54 -14.93
C GLY A 207 1.88 -16.30 -14.46
N SER A 208 1.12 -16.42 -13.38
CA SER A 208 0.38 -15.27 -12.85
C SER A 208 1.26 -14.29 -12.05
N ASN A 209 2.52 -14.67 -11.81
CA ASN A 209 3.43 -13.77 -11.10
C ASN A 209 3.64 -12.47 -11.87
N ARG A 210 3.77 -11.35 -11.15
CA ARG A 210 3.97 -10.03 -11.75
C ARG A 210 5.38 -9.50 -11.48
N ILE A 211 5.76 -8.48 -12.25
CA ILE A 211 6.95 -7.69 -11.90
C ILE A 211 6.56 -6.85 -10.68
N ALA A 212 7.42 -6.79 -9.66
CA ALA A 212 7.12 -6.00 -8.46
C ALA A 212 8.04 -4.78 -8.30
N THR A 213 7.50 -3.72 -7.69
CA THR A 213 8.30 -2.54 -7.30
C THR A 213 8.20 -2.32 -5.81
N ALA A 214 9.34 -2.27 -5.13
CA ALA A 214 9.35 -1.92 -3.71
C ALA A 214 9.50 -0.40 -3.54
N LYS A 215 8.59 0.20 -2.79
CA LYS A 215 8.50 1.66 -2.58
C LYS A 215 8.72 1.95 -1.10
N HIS A 216 9.29 3.11 -0.74
CA HIS A 216 9.98 4.04 -1.62
C HIS A 216 11.40 4.20 -1.07
N PHE A 217 12.39 4.32 -1.94
CA PHE A 217 13.77 4.47 -1.49
C PHE A 217 14.11 5.95 -1.48
N VAL A 218 14.30 6.57 -0.30
CA VAL A 218 14.35 5.92 1.01
C VAL A 218 14.15 7.01 2.08
N GLY A 219 13.65 6.63 3.26
CA GLY A 219 13.54 7.53 4.40
C GLY A 219 12.24 8.33 4.47
N ASP A 220 11.26 7.99 3.66
CA ASP A 220 10.02 8.77 3.63
C ASP A 220 9.22 8.68 4.93
N GLY A 221 9.50 7.67 5.74
CA GLY A 221 8.89 7.55 7.06
C GLY A 221 9.66 8.24 8.17
N GLY A 222 10.67 9.03 7.81
CA GLY A 222 11.46 9.72 8.82
C GLY A 222 11.50 11.22 8.65
N THR A 223 10.53 11.79 7.95
CA THR A 223 10.57 13.24 7.71
C THR A 223 10.27 14.01 9.00
N GLU A 224 10.82 15.21 9.09
CA GLU A 224 10.66 16.02 10.29
C GLU A 224 9.19 16.42 10.47
N ARG A 225 8.68 16.21 11.68
CA ARG A 225 7.27 16.45 12.01
C ARG A 225 6.29 15.63 11.16
N GLY A 226 6.81 14.60 10.48
CA GLY A 226 5.96 13.73 9.66
C GLY A 226 5.35 14.42 8.46
N VAL A 227 5.96 15.51 8.00
CA VAL A 227 5.44 16.23 6.84
C VAL A 227 5.62 15.39 5.58
N ASP A 228 4.55 15.23 4.80
CA ASP A 228 4.59 14.43 3.58
C ASP A 228 5.53 15.06 2.56
N ARG A 229 6.47 14.27 2.04
CA ARG A 229 7.48 14.75 1.08
C ARG A 229 8.44 15.73 1.75
N GLY A 230 8.55 15.63 3.07
CA GLY A 230 9.34 16.55 3.86
C GLY A 230 10.81 16.18 3.93
N ASN A 231 11.49 16.67 4.96
CA ASN A 231 12.94 16.55 5.06
C ASN A 231 13.34 15.53 6.13
N THR A 232 14.06 14.51 5.71
CA THR A 232 14.49 13.48 6.66
C THR A 232 15.89 13.81 7.18
N LEU A 233 15.96 14.13 8.47
CA LEU A 233 17.18 14.60 9.11
C LEU A 233 17.75 13.48 9.95
N ILE A 234 18.73 12.78 9.41
CA ILE A 234 19.25 11.62 10.09
C ILE A 234 20.61 11.32 9.49
N ASP A 235 21.51 10.76 10.29
CA ASP A 235 22.82 10.44 9.74
C ASP A 235 22.69 9.21 8.82
N GLU A 236 23.72 8.92 8.06
CA GLU A 236 23.64 7.85 7.08
C GLU A 236 23.50 6.49 7.75
N LYS A 237 24.11 6.32 8.92
CA LYS A 237 23.96 5.04 9.61
C LYS A 237 22.52 4.78 10.03
N GLY A 238 21.80 5.86 10.38
CA GLY A 238 20.41 5.75 10.77
C GLY A 238 19.53 5.48 9.57
N LEU A 239 19.87 6.12 8.45
CA LEU A 239 19.15 5.87 7.21
C LEU A 239 19.23 4.40 6.85
N ARG A 240 20.43 3.82 7.01
CA ARG A 240 20.69 2.40 6.76
C ARG A 240 19.94 1.49 7.74
N ASP A 241 20.14 1.71 9.04
CA ASP A 241 19.66 0.77 10.04
C ASP A 241 18.18 0.90 10.38
N ILE A 242 17.63 2.10 10.23
CA ILE A 242 16.19 2.27 10.47
C ILE A 242 15.36 2.19 9.20
N HIS A 243 15.72 2.97 8.17
CA HIS A 243 14.81 3.18 7.06
C HIS A 243 14.98 2.25 5.86
N SER A 244 16.08 1.50 5.85
CA SER A 244 16.41 0.67 4.69
C SER A 244 16.16 -0.82 4.90
N ALA A 245 15.74 -1.19 6.10
CA ALA A 245 15.59 -2.60 6.47
C ALA A 245 14.70 -3.40 5.52
N GLY A 246 13.59 -2.81 5.08
CA GLY A 246 12.71 -3.46 4.13
C GLY A 246 13.39 -3.72 2.80
N TYR A 247 14.32 -2.85 2.42
CA TYR A 247 15.01 -3.03 1.14
C TYR A 247 16.03 -4.16 1.20
N PHE A 248 16.55 -4.45 2.39
CA PHE A 248 17.52 -5.55 2.51
C PHE A 248 16.86 -6.84 2.06
N SER A 249 15.66 -7.11 2.59
CA SER A 249 14.97 -8.35 2.25
C SER A 249 14.31 -8.29 0.88
N ALA A 250 13.83 -7.13 0.45
CA ALA A 250 13.18 -7.03 -0.86
C ALA A 250 14.20 -7.26 -1.98
N ILE A 251 15.37 -6.65 -1.85
CA ILE A 251 16.41 -6.84 -2.83
C ILE A 251 16.95 -8.27 -2.79
N ASN A 252 17.11 -8.82 -1.60
CA ASN A 252 17.61 -10.19 -1.49
C ASN A 252 16.67 -11.18 -2.19
N GLN A 253 15.36 -10.91 -2.14
CA GLN A 253 14.37 -11.76 -2.80
C GLN A 253 14.19 -11.44 -4.28
N GLY A 254 15.00 -10.51 -4.80
CA GLY A 254 15.05 -10.26 -6.24
C GLY A 254 13.98 -9.33 -6.77
N VAL A 255 13.51 -8.41 -5.94
CA VAL A 255 12.51 -7.45 -6.41
C VAL A 255 13.07 -6.77 -7.67
N GLN A 256 12.24 -6.64 -8.70
CA GLN A 256 12.71 -6.19 -9.99
C GLN A 256 12.82 -4.68 -10.13
N SER A 257 12.06 -3.96 -9.32
CA SER A 257 12.03 -2.50 -9.42
C SER A 257 12.03 -1.86 -8.02
N VAL A 258 12.67 -0.70 -7.91
CA VAL A 258 12.64 0.11 -6.70
C VAL A 258 12.12 1.51 -7.07
N MET A 259 11.16 2.03 -6.33
CA MET A 259 10.69 3.40 -6.59
C MET A 259 11.39 4.42 -5.68
N ALA A 260 11.94 5.48 -6.27
CA ALA A 260 12.57 6.53 -5.47
C ALA A 260 11.52 7.36 -4.72
N SER A 261 11.94 8.04 -3.66
CA SER A 261 11.00 8.70 -2.75
C SER A 261 10.91 10.22 -2.96
N PHE A 262 9.74 10.78 -2.62
CA PHE A 262 9.49 12.21 -2.74
C PHE A 262 10.28 13.06 -1.73
N ASN A 263 10.60 12.49 -0.57
CA ASN A 263 11.23 13.26 0.50
C ASN A 263 12.66 13.73 0.16
N SER A 264 13.18 14.60 1.00
CA SER A 264 14.60 14.97 0.93
C SER A 264 15.34 14.25 2.04
N TRP A 265 16.65 14.11 1.88
CA TRP A 265 17.48 13.60 2.95
C TRP A 265 18.51 14.69 3.30
N ASN A 266 18.46 15.17 4.54
CA ASN A 266 19.33 16.26 4.95
C ASN A 266 19.37 17.39 3.92
N GLY A 267 18.20 17.79 3.45
CA GLY A 267 18.09 18.94 2.58
C GLY A 267 18.14 18.70 1.08
N LYS A 268 18.45 17.47 0.66
CA LYS A 268 18.52 17.18 -0.79
C LYS A 268 17.48 16.14 -1.24
N ARG A 269 16.73 16.48 -2.30
CA ARG A 269 15.72 15.56 -2.86
C ARG A 269 16.36 14.24 -3.24
N VAL A 270 15.80 13.15 -2.75
CA VAL A 270 16.33 11.83 -3.07
C VAL A 270 16.39 11.57 -4.58
N HIS A 271 15.40 12.06 -5.33
CA HIS A 271 15.36 11.78 -6.77
C HIS A 271 16.55 12.37 -7.51
N GLY A 272 17.27 13.29 -6.88
CA GLY A 272 18.43 13.90 -7.52
C GLY A 272 19.74 13.49 -6.87
N ASP A 273 19.69 12.51 -5.98
CA ASP A 273 20.85 12.14 -5.16
C ASP A 273 21.57 10.90 -5.69
N LYS A 274 22.67 11.11 -6.43
CA LYS A 274 23.42 10.00 -7.00
C LYS A 274 24.04 9.11 -5.93
N HIS A 275 24.39 9.69 -4.78
CA HIS A 275 24.95 8.87 -3.72
C HIS A 275 23.96 7.79 -3.29
N LEU A 276 22.69 8.16 -3.12
CA LEU A 276 21.68 7.20 -2.68
C LEU A 276 21.25 6.23 -3.78
N LEU A 277 20.94 6.77 -4.96
CA LEU A 277 20.31 5.98 -6.01
C LEU A 277 21.30 5.17 -6.83
N THR A 278 22.57 5.57 -6.81
CA THR A 278 23.60 4.82 -7.52
C THR A 278 24.58 4.18 -6.56
N ASP A 279 25.31 5.00 -5.80
CA ASP A 279 26.37 4.45 -4.96
C ASP A 279 25.85 3.49 -3.90
N VAL A 280 24.82 3.91 -3.16
CA VAL A 280 24.26 3.04 -2.13
C VAL A 280 23.40 1.92 -2.72
N LEU A 281 22.35 2.28 -3.44
CA LEU A 281 21.36 1.30 -3.90
C LEU A 281 21.98 0.29 -4.88
N LYS A 282 22.70 0.80 -5.86
CA LYS A 282 23.19 -0.05 -6.93
C LYS A 282 24.59 -0.61 -6.63
N ASN A 283 25.48 0.23 -6.16
CA ASN A 283 26.87 -0.19 -5.99
C ASN A 283 27.09 -0.98 -4.69
N GLN A 284 26.54 -0.48 -3.58
CA GLN A 284 26.80 -1.16 -2.30
C GLN A 284 25.78 -2.24 -1.98
N LEU A 285 24.49 -1.90 -2.06
CA LEU A 285 23.45 -2.89 -1.79
C LEU A 285 23.40 -3.94 -2.89
N GLY A 286 23.83 -3.55 -4.09
CA GLY A 286 23.89 -4.48 -5.21
C GLY A 286 22.61 -4.72 -5.99
N PHE A 287 21.60 -3.88 -5.81
CA PHE A 287 20.35 -3.97 -6.59
C PHE A 287 20.62 -4.05 -8.09
N ASP A 288 20.13 -5.10 -8.74
CA ASP A 288 20.40 -5.35 -10.15
C ASP A 288 19.22 -5.02 -11.06
N GLY A 289 18.13 -4.50 -10.47
CA GLY A 289 16.92 -4.19 -11.22
C GLY A 289 16.87 -2.72 -11.63
N PHE A 290 15.68 -2.20 -11.88
CA PHE A 290 15.55 -0.84 -12.39
C PHE A 290 14.86 0.09 -11.39
N VAL A 291 15.32 1.34 -11.37
CA VAL A 291 14.71 2.36 -10.52
C VAL A 291 13.64 3.12 -11.31
N VAL A 292 12.44 3.24 -10.76
CA VAL A 292 11.39 4.07 -11.35
C VAL A 292 11.16 5.28 -10.45
N SER A 293 10.92 6.46 -11.03
CA SER A 293 10.61 7.62 -10.20
C SER A 293 9.15 7.62 -9.79
N ASP A 294 8.79 8.46 -8.82
CA ASP A 294 7.40 8.62 -8.42
C ASP A 294 6.74 9.72 -9.28
N TRP A 295 5.44 9.90 -9.09
CA TRP A 295 4.58 10.73 -9.97
C TRP A 295 5.07 12.18 -10.14
N ASN A 296 5.67 12.49 -11.29
CA ASN A 296 6.26 13.82 -11.52
C ASN A 296 7.25 14.26 -10.43
N ALA A 297 7.84 13.30 -9.73
CA ALA A 297 8.80 13.63 -8.67
C ALA A 297 10.00 14.41 -9.25
N HIS A 298 10.28 14.20 -10.53
CA HIS A 298 11.46 14.82 -11.13
C HIS A 298 11.36 16.34 -11.16
N LYS A 299 10.15 16.87 -11.18
CA LYS A 299 10.01 18.31 -11.32
C LYS A 299 10.56 19.07 -10.10
N PHE A 300 10.70 18.38 -8.97
CA PHE A 300 11.16 19.03 -7.74
C PHE A 300 12.68 19.05 -7.57
N VAL A 301 13.39 18.36 -8.44
CA VAL A 301 14.85 18.32 -8.38
C VAL A 301 15.41 19.65 -8.88
N GLU A 302 16.49 20.12 -8.27
CA GLU A 302 17.07 21.42 -8.62
C GLU A 302 17.47 21.43 -10.09
N GLY A 303 16.96 22.42 -10.82
CA GLY A 303 17.32 22.56 -12.22
C GLY A 303 16.39 21.81 -13.16
N CYS A 304 15.50 20.99 -12.60
CA CYS A 304 14.58 20.21 -13.43
C CYS A 304 13.21 20.88 -13.50
N ASP A 305 12.39 20.42 -14.44
CA ASP A 305 10.99 20.84 -14.48
C ASP A 305 10.14 19.70 -15.04
N LEU A 306 8.86 19.94 -15.26
CA LEU A 306 7.96 18.87 -15.70
C LEU A 306 8.44 18.20 -16.99
N GLU A 307 9.16 18.96 -17.82
CA GLU A 307 9.52 18.48 -19.15
C GLU A 307 11.00 18.08 -19.33
N GLN A 308 11.80 18.17 -18.26
CA GLN A 308 13.23 17.86 -18.36
C GLN A 308 13.82 17.50 -17.00
N CYS A 309 14.54 16.39 -16.93
CA CYS A 309 15.32 16.13 -15.72
C CYS A 309 16.50 15.18 -15.91
N ALA A 310 17.55 15.68 -16.56
CA ALA A 310 18.78 14.92 -16.71
C ALA A 310 19.34 14.49 -15.35
N GLN A 311 19.24 15.38 -14.36
CA GLN A 311 19.85 15.09 -13.05
C GLN A 311 19.29 13.80 -12.42
N ALA A 312 17.98 13.60 -12.54
CA ALA A 312 17.39 12.39 -11.95
C ALA A 312 17.90 11.15 -12.68
N ILE A 313 17.92 11.23 -14.00
CA ILE A 313 18.45 10.14 -14.80
C ILE A 313 19.91 9.87 -14.43
N ASN A 314 20.72 10.93 -14.38
CA ASN A 314 22.12 10.80 -14.03
C ASN A 314 22.34 10.29 -12.61
N ALA A 315 21.40 10.61 -11.72
CA ALA A 315 21.47 10.16 -10.33
C ALA A 315 21.22 8.67 -10.20
N GLY A 316 20.58 8.07 -11.21
CA GLY A 316 20.32 6.64 -11.17
C GLY A 316 18.87 6.22 -11.42
N VAL A 317 17.98 7.16 -11.71
CA VAL A 317 16.63 6.77 -12.11
C VAL A 317 16.67 6.17 -13.51
N ASP A 318 16.00 5.03 -13.70
CA ASP A 318 16.02 4.31 -14.98
C ASP A 318 14.74 4.48 -15.79
N VAL A 319 13.61 4.65 -15.10
CA VAL A 319 12.32 4.88 -15.76
C VAL A 319 11.64 6.09 -15.13
N ILE A 320 11.24 7.04 -15.97
CA ILE A 320 10.68 8.28 -15.48
C ILE A 320 9.16 8.27 -15.53
N MET A 321 8.53 8.41 -14.36
CA MET A 321 7.06 8.47 -14.30
C MET A 321 6.66 9.90 -14.61
N VAL A 322 6.33 10.15 -15.87
CA VAL A 322 5.95 11.49 -16.30
C VAL A 322 4.60 11.36 -17.02
N PRO A 323 3.52 11.30 -16.22
CA PRO A 323 2.22 10.87 -16.73
C PRO A 323 1.66 11.76 -17.86
N GLU A 324 1.89 13.06 -17.77
CA GLU A 324 1.25 14.02 -18.67
C GLU A 324 2.22 14.64 -19.68
N HIS A 325 3.44 14.93 -19.24
CA HIS A 325 4.37 15.70 -20.07
C HIS A 325 5.41 14.83 -20.77
N PHE A 326 5.06 13.56 -20.99
CA PHE A 326 5.99 12.57 -21.52
C PHE A 326 6.56 12.89 -22.90
N GLU A 327 5.76 13.50 -23.76
CA GLU A 327 6.22 13.75 -25.13
C GLU A 327 7.34 14.79 -25.15
N ALA A 328 7.13 15.93 -24.50
CA ALA A 328 8.19 16.92 -24.36
C ALA A 328 9.38 16.38 -23.56
N PHE A 329 9.11 15.57 -22.54
CA PHE A 329 10.20 15.02 -21.74
C PHE A 329 11.07 14.12 -22.62
N TYR A 330 10.41 13.36 -23.47
CA TYR A 330 11.09 12.49 -24.43
C TYR A 330 12.05 13.26 -25.34
N HIS A 331 11.52 14.26 -26.04
CA HIS A 331 12.34 15.04 -26.96
C HIS A 331 13.47 15.78 -26.26
N ASN A 332 13.20 16.34 -25.08
CA ASN A 332 14.26 17.01 -24.33
C ASN A 332 15.37 16.07 -23.91
N THR A 333 15.01 14.87 -23.46
CA THR A 333 15.99 13.90 -23.01
C THR A 333 16.88 13.44 -24.16
N VAL A 334 16.29 13.26 -25.34
CA VAL A 334 17.09 12.87 -26.50
C VAL A 334 18.13 13.94 -26.82
N LYS A 335 17.72 15.20 -26.77
CA LYS A 335 18.64 16.31 -27.06
C LYS A 335 19.76 16.39 -26.04
N GLN A 336 19.45 16.03 -24.79
CA GLN A 336 20.44 16.06 -23.73
C GLN A 336 21.46 14.95 -23.90
N VAL A 337 21.02 13.78 -24.35
CA VAL A 337 21.95 12.72 -24.64
C VAL A 337 22.87 13.14 -25.81
N LYS A 338 22.28 13.72 -26.85
CA LYS A 338 23.06 14.21 -27.98
C LYS A 338 24.00 15.36 -27.60
N ALA A 339 23.59 16.18 -26.62
CA ALA A 339 24.44 17.26 -26.10
C ALA A 339 25.56 16.74 -25.21
N GLY A 340 25.49 15.46 -24.86
CA GLY A 340 26.52 14.85 -24.02
C GLY A 340 26.35 15.02 -22.51
N VAL A 341 25.25 15.62 -22.08
CA VAL A 341 25.08 15.85 -20.63
C VAL A 341 24.36 14.69 -19.92
N ILE A 342 23.86 13.75 -20.71
CA ILE A 342 23.49 12.44 -20.21
C ILE A 342 24.31 11.44 -21.03
N ALA A 343 25.16 10.66 -20.37
CA ALA A 343 26.07 9.76 -21.07
C ALA A 343 25.32 8.60 -21.71
N GLU A 344 25.79 8.14 -22.88
CA GLU A 344 25.16 7.00 -23.52
C GLU A 344 25.27 5.76 -22.65
N SER A 345 26.36 5.65 -21.90
CA SER A 345 26.54 4.55 -20.97
C SER A 345 25.43 4.53 -19.91
N ARG A 346 24.95 5.72 -19.55
CA ARG A 346 23.89 5.82 -18.53
C ARG A 346 22.55 5.34 -19.09
N ILE A 347 22.19 5.80 -20.29
CA ILE A 347 20.94 5.31 -20.87
C ILE A 347 21.04 3.81 -21.19
N ASN A 348 22.22 3.34 -21.59
CA ASN A 348 22.42 1.91 -21.81
C ASN A 348 22.14 1.11 -20.53
N ASP A 349 22.68 1.58 -19.41
CA ASP A 349 22.49 0.88 -18.15
C ASP A 349 21.03 0.89 -17.71
N ALA A 350 20.36 2.01 -17.92
CA ALA A 350 18.93 2.14 -17.57
C ALA A 350 18.13 1.13 -18.37
N VAL A 351 18.39 1.09 -19.68
CA VAL A 351 17.65 0.19 -20.55
C VAL A 351 17.97 -1.29 -20.24
N ARG A 352 19.23 -1.59 -19.98
CA ARG A 352 19.61 -2.94 -19.56
C ARG A 352 18.80 -3.42 -18.36
N ARG A 353 18.77 -2.59 -17.32
CA ARG A 353 18.10 -2.97 -16.08
C ARG A 353 16.59 -3.18 -16.28
N PHE A 354 15.99 -2.33 -17.10
CA PHE A 354 14.55 -2.40 -17.36
C PHE A 354 14.22 -3.59 -18.28
N LEU A 355 14.98 -3.76 -19.35
CA LEU A 355 14.76 -4.90 -20.24
C LEU A 355 15.00 -6.20 -19.49
N ARG A 356 15.97 -6.20 -18.58
CA ARG A 356 16.22 -7.38 -17.76
C ARG A 356 14.93 -7.85 -17.08
N ALA A 357 14.12 -6.91 -16.62
CA ALA A 357 12.85 -7.27 -15.97
C ALA A 357 11.81 -7.76 -17.00
N LYS A 358 11.58 -6.96 -18.04
CA LYS A 358 10.54 -7.29 -19.01
C LYS A 358 10.83 -8.60 -19.74
N ILE A 359 12.08 -8.78 -20.14
CA ILE A 359 12.46 -9.98 -20.90
C ILE A 359 12.38 -11.22 -20.03
N ARG A 360 12.90 -11.13 -18.80
CA ARG A 360 12.84 -12.30 -17.92
C ARG A 360 11.39 -12.64 -17.53
N TRP A 361 10.54 -11.62 -17.40
CA TRP A 361 9.13 -11.86 -17.12
C TRP A 361 8.48 -12.57 -18.31
N GLY A 362 8.91 -12.23 -19.52
CA GLY A 362 8.50 -12.96 -20.71
C GLY A 362 7.76 -12.17 -21.78
N VAL A 363 8.06 -10.88 -21.93
CA VAL A 363 7.30 -10.08 -22.90
C VAL A 363 7.48 -10.56 -24.35
N PHE A 364 8.62 -11.16 -24.67
CA PHE A 364 8.85 -11.68 -26.03
C PHE A 364 8.26 -13.08 -26.22
N THR A 365 8.13 -13.83 -25.14
CA THR A 365 7.68 -15.22 -25.23
C THR A 365 6.18 -15.43 -25.00
N LYS A 366 5.53 -14.55 -24.24
CA LYS A 366 4.08 -14.67 -24.07
C LYS A 366 3.31 -14.06 -25.23
N SER A 367 2.04 -14.44 -25.35
CA SER A 367 1.18 -13.90 -26.38
CA SER A 367 1.19 -13.89 -26.40
C SER A 367 0.73 -12.49 -26.03
N LYS A 368 -0.09 -11.89 -26.87
CA LYS A 368 -0.68 -10.60 -26.53
C LYS A 368 -1.51 -10.75 -25.26
N PRO A 369 -1.70 -9.67 -24.51
CA PRO A 369 -2.35 -9.75 -23.19
C PRO A 369 -3.63 -10.61 -23.14
N SER A 370 -4.60 -10.37 -24.03
CA SER A 370 -5.89 -11.05 -23.93
C SER A 370 -5.77 -12.57 -24.11
N ALA A 371 -4.69 -13.01 -24.72
CA ALA A 371 -4.52 -14.43 -25.03
C ALA A 371 -3.69 -15.19 -23.99
N ARG A 372 -3.12 -14.49 -23.03
CA ARG A 372 -2.30 -15.15 -22.01
C ARG A 372 -3.15 -15.98 -21.07
N PRO A 373 -2.60 -17.09 -20.57
CA PRO A 373 -3.31 -17.97 -19.63
C PRO A 373 -3.81 -17.22 -18.39
N GLU A 374 -3.03 -16.28 -17.88
CA GLU A 374 -3.38 -15.56 -16.65
C GLU A 374 -4.47 -14.52 -16.90
N SER A 375 -4.85 -14.36 -18.16
CA SER A 375 -5.94 -13.44 -18.56
C SER A 375 -7.27 -14.16 -18.76
N GLN A 376 -7.30 -15.46 -18.50
CA GLN A 376 -8.51 -16.27 -18.77
C GLN A 376 -9.37 -16.50 -17.53
N HIS A 377 -9.08 -15.77 -16.45
CA HIS A 377 -9.76 -16.00 -15.18
C HIS A 377 -10.33 -14.70 -14.58
N PRO A 378 -11.43 -14.22 -15.14
CA PRO A 378 -11.95 -12.93 -14.66
C PRO A 378 -12.35 -13.00 -13.20
N GLN A 379 -12.66 -14.20 -12.70
CA GLN A 379 -13.14 -14.38 -11.34
C GLN A 379 -12.06 -14.12 -10.31
N TRP A 380 -10.80 -14.04 -10.76
CA TRP A 380 -9.69 -13.73 -9.87
C TRP A 380 -9.87 -12.36 -9.23
N LEU A 381 -10.45 -11.43 -9.99
CA LEU A 381 -10.68 -10.10 -9.46
C LEU A 381 -11.83 -10.13 -8.46
N GLY A 382 -11.49 -10.05 -7.18
CA GLY A 382 -12.49 -10.11 -6.12
C GLY A 382 -12.91 -11.53 -5.81
N ALA A 383 -12.06 -12.49 -6.15
CA ALA A 383 -12.36 -13.91 -5.94
C ALA A 383 -12.82 -14.19 -4.52
N ALA A 384 -13.79 -15.10 -4.38
CA ALA A 384 -14.26 -15.50 -3.05
C ALA A 384 -13.10 -15.98 -2.16
N GLU A 385 -12.17 -16.71 -2.76
CA GLU A 385 -11.03 -17.24 -2.04
C GLU A 385 -10.15 -16.10 -1.49
N HIS A 386 -10.04 -15.03 -2.26
CA HIS A 386 -9.26 -13.88 -1.83
C HIS A 386 -9.96 -13.08 -0.74
N ARG A 387 -11.29 -13.05 -0.77
CA ARG A 387 -12.02 -12.35 0.28
C ARG A 387 -11.96 -13.14 1.58
N THR A 388 -11.92 -14.47 1.46
CA THR A 388 -11.71 -15.33 2.62
C THR A 388 -10.33 -15.09 3.26
N LEU A 389 -9.32 -14.94 2.42
CA LEU A 389 -7.98 -14.58 2.86
C LEU A 389 -7.96 -13.21 3.57
N ALA A 390 -8.64 -12.24 2.96
CA ALA A 390 -8.69 -10.89 3.53
C ALA A 390 -9.41 -10.87 4.87
N ARG A 391 -10.48 -11.64 4.97
CA ARG A 391 -11.23 -11.76 6.22
C ARG A 391 -10.34 -12.31 7.34
N GLU A 392 -9.52 -13.30 7.00
CA GLU A 392 -8.52 -13.83 7.94
C GLU A 392 -7.57 -12.71 8.35
N ALA A 393 -7.12 -11.92 7.38
CA ALA A 393 -6.20 -10.82 7.69
C ALA A 393 -6.87 -9.80 8.60
N VAL A 394 -8.15 -9.52 8.38
CA VAL A 394 -8.88 -8.62 9.25
C VAL A 394 -8.88 -9.14 10.69
N ARG A 395 -9.24 -10.41 10.86
CA ARG A 395 -9.31 -11.00 12.21
C ARG A 395 -7.98 -10.87 12.94
N LYS A 396 -6.90 -11.11 12.21
CA LYS A 396 -5.57 -11.13 12.81
C LYS A 396 -5.00 -9.71 13.05
N SER A 397 -5.56 -8.72 12.36
CA SER A 397 -5.06 -7.36 12.47
C SER A 397 -5.59 -6.61 13.71
N LEU A 398 -6.73 -7.05 14.25
CA LEU A 398 -7.40 -6.30 15.31
C LEU A 398 -6.57 -6.35 16.59
N VAL A 399 -6.45 -5.21 17.27
CA VAL A 399 -5.75 -5.17 18.54
C VAL A 399 -6.72 -4.74 19.65
N LEU A 400 -6.88 -5.60 20.64
CA LEU A 400 -7.74 -5.30 21.78
C LEU A 400 -6.96 -4.48 22.81
N LEU A 401 -7.30 -3.20 22.95
CA LEU A 401 -6.60 -2.30 23.87
C LEU A 401 -7.20 -2.35 25.28
N LYS A 402 -8.51 -2.54 25.34
CA LYS A 402 -9.25 -2.51 26.61
C LYS A 402 -10.43 -3.46 26.50
N ASN A 403 -10.65 -4.25 27.55
CA ASN A 403 -11.77 -5.17 27.64
C ASN A 403 -12.19 -5.34 29.09
N ASN A 404 -12.70 -4.26 29.69
CA ASN A 404 -13.00 -4.26 31.12
C ASN A 404 -14.13 -5.22 31.46
N GLU A 405 -13.96 -5.97 32.55
CA GLU A 405 -14.93 -6.97 33.01
C GLU A 405 -15.27 -7.98 31.91
N SER A 406 -14.34 -8.18 30.97
CA SER A 406 -14.52 -9.15 29.90
C SER A 406 -15.85 -9.01 29.18
N ILE A 407 -16.20 -7.78 28.80
CA ILE A 407 -17.45 -7.57 28.10
C ILE A 407 -17.43 -8.25 26.72
N LEU A 408 -16.25 -8.31 26.10
CA LEU A 408 -16.05 -9.11 24.89
C LEU A 408 -15.55 -10.50 25.28
N PRO A 409 -15.96 -11.54 24.52
CA PRO A 409 -16.84 -11.48 23.35
C PRO A 409 -18.31 -11.39 23.75
N ILE A 410 -19.10 -10.80 22.87
CA ILE A 410 -20.51 -10.59 23.13
C ILE A 410 -21.32 -11.76 22.63
N LYS A 411 -22.25 -12.26 23.46
CA LYS A 411 -23.17 -13.30 23.03
C LYS A 411 -23.90 -12.90 21.75
N ALA A 412 -23.81 -13.73 20.71
CA ALA A 412 -24.43 -13.41 19.43
C ALA A 412 -25.96 -13.35 19.52
N SER A 413 -26.51 -14.01 20.54
CA SER A 413 -27.96 -14.03 20.73
C SER A 413 -28.47 -12.82 21.51
N SER A 414 -27.60 -11.87 21.79
CA SER A 414 -27.98 -10.69 22.57
C SER A 414 -28.78 -9.69 21.73
N ARG A 415 -29.25 -8.65 22.38
CA ARG A 415 -29.80 -7.49 21.68
C ARG A 415 -28.73 -6.42 21.57
N ILE A 416 -28.32 -6.12 20.34
CA ILE A 416 -27.18 -5.23 20.11
C ILE A 416 -27.59 -4.00 19.31
N LEU A 417 -27.07 -2.85 19.73
CA LEU A 417 -27.18 -1.63 18.95
C LEU A 417 -25.82 -1.34 18.31
N VAL A 418 -25.80 -1.09 17.01
CA VAL A 418 -24.56 -0.69 16.35
C VAL A 418 -24.71 0.77 15.94
N ALA A 419 -23.79 1.60 16.41
CA ALA A 419 -23.89 3.04 16.22
C ALA A 419 -22.54 3.58 15.76
N GLY A 420 -22.47 4.88 15.52
CA GLY A 420 -21.22 5.50 15.11
C GLY A 420 -21.20 5.69 13.61
N LYS A 421 -20.51 6.74 13.16
CA LYS A 421 -20.43 7.08 11.75
C LYS A 421 -19.81 5.98 10.87
N GLY A 422 -18.96 5.15 11.47
CA GLY A 422 -18.30 4.10 10.72
C GLY A 422 -19.05 2.77 10.70
N ALA A 423 -20.21 2.73 11.33
CA ALA A 423 -20.93 1.46 11.50
C ALA A 423 -21.26 0.75 10.19
N ASN A 424 -21.69 1.51 9.20
CA ASN A 424 -22.12 0.92 7.94
C ASN A 424 -21.50 1.67 6.77
N ALA A 425 -20.27 2.13 6.95
CA ALA A 425 -19.59 2.96 5.96
C ALA A 425 -18.32 2.28 5.48
N ILE A 426 -18.42 1.57 4.36
CA ILE A 426 -17.27 0.83 3.86
C ILE A 426 -16.13 1.77 3.51
N ASN A 427 -16.45 2.99 3.11
CA ASN A 427 -15.38 3.92 2.74
C ASN A 427 -14.46 4.26 3.90
N MET A 428 -15.02 4.31 5.11
CA MET A 428 -14.24 4.56 6.32
C MET A 428 -13.41 3.35 6.73
N GLN A 429 -13.97 2.16 6.58
CA GLN A 429 -13.21 0.95 6.91
C GLN A 429 -12.10 0.66 5.88
N ALA A 430 -12.28 1.14 4.65
CA ALA A 430 -11.27 0.91 3.61
C ALA A 430 -10.16 1.95 3.60
N GLY A 431 -10.50 3.20 3.92
CA GLY A 431 -9.53 4.28 3.92
C GLY A 431 -9.11 4.68 2.52
N GLY A 432 -8.02 5.44 2.41
CA GLY A 432 -7.56 5.97 1.15
C GLY A 432 -7.05 4.90 0.19
N TRP A 433 -6.80 5.29 -1.06
CA TRP A 433 -6.32 4.36 -2.09
C TRP A 433 -7.27 3.19 -2.25
N SER A 434 -8.57 3.46 -2.33
CA SER A 434 -9.58 2.41 -2.42
C SER A 434 -10.60 2.78 -3.48
N VAL A 435 -10.35 2.31 -4.70
CA VAL A 435 -11.11 2.69 -5.88
C VAL A 435 -10.83 4.15 -6.26
N SER A 436 -10.90 5.03 -5.27
CA SER A 436 -10.47 6.42 -5.45
C SER A 436 -9.31 6.77 -4.51
N TRP A 437 -8.74 7.95 -4.75
CA TRP A 437 -7.53 8.38 -4.06
C TRP A 437 -7.76 8.69 -2.58
N GLN A 438 -8.59 9.69 -2.28
CA GLN A 438 -8.85 10.08 -0.91
C GLN A 438 -9.84 9.17 -0.20
N GLY A 439 -10.78 8.62 -0.96
CA GLY A 439 -11.82 7.78 -0.40
C GLY A 439 -13.05 8.55 0.07
N THR A 440 -12.94 9.87 0.12
CA THR A 440 -14.01 10.73 0.63
C THR A 440 -15.33 10.53 -0.09
N ASP A 441 -15.27 10.35 -1.41
CA ASP A 441 -16.47 10.31 -2.23
C ASP A 441 -17.01 8.89 -2.45
N ASN A 442 -16.35 7.89 -1.88
CA ASN A 442 -16.82 6.53 -1.99
C ASN A 442 -18.12 6.30 -1.21
N THR A 443 -19.05 5.52 -1.77
CA THR A 443 -20.22 5.07 -1.02
C THR A 443 -20.21 3.54 -1.05
N ASN A 444 -21.11 2.92 -0.28
CA ASN A 444 -21.11 1.44 -0.21
C ASN A 444 -21.24 0.73 -1.58
N SER A 445 -21.91 1.36 -2.53
CA SER A 445 -22.10 0.77 -3.86
C SER A 445 -20.81 0.76 -4.70
N ASP A 446 -19.81 1.50 -4.27
CA ASP A 446 -18.52 1.48 -4.96
C ASP A 446 -17.74 0.23 -4.59
N PHE A 447 -18.30 -0.58 -3.69
CA PHE A 447 -17.61 -1.77 -3.20
C PHE A 447 -18.51 -3.00 -3.30
N PRO A 448 -18.78 -3.45 -4.53
CA PRO A 448 -19.57 -4.67 -4.69
C PRO A 448 -18.89 -5.84 -3.99
N ASN A 449 -19.68 -6.63 -3.30
CA ASN A 449 -19.21 -7.85 -2.65
C ASN A 449 -18.40 -7.62 -1.38
N ALA A 450 -18.24 -6.35 -0.99
CA ALA A 450 -17.63 -6.03 0.30
C ALA A 450 -18.69 -6.14 1.39
N THR A 451 -18.27 -6.15 2.65
CA THR A 451 -19.23 -6.25 3.76
C THR A 451 -18.91 -5.20 4.81
N SER A 452 -19.90 -4.36 5.14
CA SER A 452 -19.69 -3.36 6.20
C SER A 452 -19.60 -4.04 7.56
N ILE A 453 -19.13 -3.31 8.58
CA ILE A 453 -19.01 -3.91 9.89
C ILE A 453 -20.41 -4.25 10.45
N PHE A 454 -21.35 -3.34 10.27
CA PHE A 454 -22.73 -3.63 10.67
C PHE A 454 -23.27 -4.88 9.99
N SER A 455 -23.06 -4.99 8.69
CA SER A 455 -23.60 -6.12 7.94
C SER A 455 -23.04 -7.45 8.45
N GLY A 456 -21.74 -7.48 8.78
CA GLY A 456 -21.13 -8.67 9.33
C GLY A 456 -21.73 -9.07 10.67
N LEU A 457 -21.88 -8.09 11.55
CA LEU A 457 -22.50 -8.34 12.86
C LEU A 457 -23.93 -8.82 12.69
N GLN A 458 -24.67 -8.18 11.80
CA GLN A 458 -26.08 -8.50 11.62
C GLN A 458 -26.27 -9.94 11.15
N SER A 459 -25.42 -10.35 10.21
CA SER A 459 -25.49 -11.70 9.68
C SER A 459 -25.36 -12.75 10.79
N GLN A 460 -24.41 -12.55 11.69
CA GLN A 460 -24.15 -13.53 12.75
C GLN A 460 -25.16 -13.44 13.89
N VAL A 461 -25.60 -12.23 14.21
CA VAL A 461 -26.59 -12.06 15.27
C VAL A 461 -27.92 -12.67 14.86
N THR A 462 -28.29 -12.48 13.60
CA THR A 462 -29.54 -13.04 13.08
C THR A 462 -29.49 -14.57 13.11
N LYS A 463 -28.36 -15.13 12.68
CA LYS A 463 -28.16 -16.57 12.72
C LYS A 463 -28.25 -17.15 14.14
N ALA A 464 -27.88 -16.36 15.14
CA ALA A 464 -27.90 -16.82 16.52
C ALA A 464 -29.22 -16.52 17.22
N GLY A 465 -30.16 -15.90 16.52
CA GLY A 465 -31.45 -15.57 17.11
C GLY A 465 -31.44 -14.33 17.98
N GLY A 466 -30.39 -13.52 17.85
CA GLY A 466 -30.35 -12.25 18.57
C GLY A 466 -31.09 -11.17 17.83
N LYS A 467 -30.96 -9.92 18.28
CA LYS A 467 -31.61 -8.79 17.64
C LYS A 467 -30.59 -7.66 17.47
N ILE A 468 -30.64 -7.00 16.32
CA ILE A 468 -29.66 -5.96 16.04
C ILE A 468 -30.31 -4.74 15.40
N THR A 469 -29.77 -3.57 15.71
CA THR A 469 -30.30 -2.31 15.21
C THR A 469 -29.15 -1.43 14.74
N LEU A 470 -29.32 -0.78 13.59
CA LEU A 470 -28.32 0.19 13.12
C LEU A 470 -28.82 1.61 13.33
N SER A 471 -28.03 2.42 14.03
CA SER A 471 -28.33 3.83 14.17
C SER A 471 -27.06 4.63 14.43
N GLU A 472 -26.55 5.30 13.40
CA GLU A 472 -25.30 6.05 13.55
C GLU A 472 -25.34 6.99 14.76
N SER A 473 -26.50 7.60 15.01
CA SER A 473 -26.61 8.57 16.09
C SER A 473 -26.97 7.94 17.43
N GLY A 474 -27.07 6.60 17.47
CA GLY A 474 -27.33 5.93 18.74
C GLY A 474 -28.78 5.94 19.23
N GLU A 475 -29.72 6.20 18.32
CA GLU A 475 -31.13 6.14 18.68
C GLU A 475 -31.59 4.70 18.82
N TYR A 476 -32.45 4.41 19.79
CA TYR A 476 -33.02 3.07 19.89
C TYR A 476 -34.45 3.05 20.41
N THR A 477 -35.15 1.95 20.16
CA THR A 477 -36.51 1.74 20.66
C THR A 477 -36.47 0.78 21.84
N SER A 478 -35.86 -0.39 21.63
CA SER A 478 -35.67 -1.35 22.72
C SER A 478 -34.25 -1.18 23.26
N LYS A 479 -34.12 -0.91 24.55
CA LYS A 479 -32.79 -0.71 25.12
C LYS A 479 -31.91 -1.93 24.91
N PRO A 480 -30.71 -1.73 24.34
CA PRO A 480 -29.87 -2.89 24.00
C PRO A 480 -29.10 -3.40 25.20
N ASP A 481 -28.63 -4.65 25.11
CA ASP A 481 -27.73 -5.21 26.11
C ASP A 481 -26.34 -4.58 26.01
N VAL A 482 -25.96 -4.15 24.81
CA VAL A 482 -24.64 -3.58 24.57
C VAL A 482 -24.68 -2.75 23.29
N ALA A 483 -23.85 -1.72 23.23
CA ALA A 483 -23.72 -0.92 22.01
C ALA A 483 -22.32 -1.11 21.44
N ILE A 484 -22.24 -1.50 20.16
CA ILE A 484 -20.96 -1.52 19.46
C ILE A 484 -20.89 -0.23 18.67
N VAL A 485 -19.92 0.60 19.00
CA VAL A 485 -19.85 1.92 18.40
C VAL A 485 -18.63 2.00 17.48
N VAL A 486 -18.89 2.18 16.19
CA VAL A 486 -17.81 2.18 15.19
C VAL A 486 -17.48 3.60 14.77
N ILE A 487 -16.29 4.07 15.13
CA ILE A 487 -15.91 5.45 14.94
C ILE A 487 -14.50 5.48 14.40
N GLY A 488 -14.05 6.62 13.90
CA GLY A 488 -12.66 6.71 13.42
C GLY A 488 -12.35 7.89 12.54
N GLU A 489 -11.16 7.88 11.96
CA GLU A 489 -10.74 8.92 11.04
C GLU A 489 -11.53 8.79 9.73
N GLU A 490 -11.70 9.92 9.04
CA GLU A 490 -12.22 9.90 7.68
C GLU A 490 -11.08 9.41 6.80
N PRO A 491 -11.40 8.90 5.60
CA PRO A 491 -10.35 8.38 4.72
C PRO A 491 -9.50 9.50 4.14
N TYR A 492 -8.21 9.21 3.93
CA TYR A 492 -7.30 10.19 3.36
C TYR A 492 -6.12 9.48 2.68
N ALA A 493 -5.38 10.24 1.87
CA ALA A 493 -4.16 9.74 1.23
C ALA A 493 -3.16 10.88 1.16
N GLU A 494 -1.88 10.54 1.35
CA GLU A 494 -0.79 11.50 1.20
C GLU A 494 -1.00 12.72 2.10
N TRP A 495 -0.60 13.90 1.63
CA TRP A 495 -0.54 15.06 2.51
C TRP A 495 -1.90 15.47 3.11
N PHE A 496 -3.00 15.05 2.49
CA PHE A 496 -4.34 15.33 3.03
C PHE A 496 -4.48 14.78 4.44
N GLY A 497 -3.69 13.76 4.77
CA GLY A 497 -3.75 13.13 6.07
C GLY A 497 -2.68 13.58 7.07
N ASP A 498 -1.83 14.53 6.66
CA ASP A 498 -0.83 15.07 7.58
C ASP A 498 -1.57 15.83 8.68
N ILE A 499 -1.19 15.62 9.94
CA ILE A 499 -1.83 16.33 11.04
C ILE A 499 -0.79 16.98 11.93
N GLU A 500 -1.23 17.90 12.77
CA GLU A 500 -0.33 18.56 13.72
C GLU A 500 -0.63 18.17 15.17
N LEU A 501 -1.87 17.76 15.43
CA LEU A 501 -2.29 17.40 16.77
C LEU A 501 -2.66 15.92 16.84
N LEU A 502 -2.31 15.26 17.94
CA LEU A 502 -2.60 13.83 18.08
C LEU A 502 -3.99 13.50 18.60
N GLU A 503 -4.68 14.48 19.18
CA GLU A 503 -6.02 14.19 19.72
C GLU A 503 -7.04 13.89 18.64
N PHE A 504 -7.74 12.78 18.78
CA PHE A 504 -8.76 12.38 17.83
C PHE A 504 -9.86 13.44 17.78
N GLN A 505 -10.25 13.85 16.57
CA GLN A 505 -11.34 14.81 16.42
C GLN A 505 -11.22 16.00 17.37
N HIS A 506 -10.02 16.54 17.51
CA HIS A 506 -9.78 17.62 18.47
C HIS A 506 -10.70 18.82 18.28
N GLU A 507 -11.18 19.01 17.06
CA GLU A 507 -12.01 20.18 16.74
C GLU A 507 -13.49 20.02 17.14
N THR A 508 -14.00 18.79 17.14
CA THR A 508 -15.42 18.57 17.34
C THR A 508 -15.77 17.59 18.47
N LYS A 509 -14.91 16.61 18.71
CA LYS A 509 -15.18 15.58 19.70
C LYS A 509 -16.58 15.00 19.52
N HIS A 510 -16.99 14.81 18.26
CA HIS A 510 -18.34 14.34 17.95
C HIS A 510 -18.54 12.89 18.40
N ALA A 511 -17.55 12.03 18.15
CA ALA A 511 -17.69 10.63 18.55
C ALA A 511 -17.76 10.50 20.08
N LEU A 512 -16.95 11.27 20.77
CA LEU A 512 -16.97 11.27 22.24
C LEU A 512 -18.35 11.59 22.81
N ALA A 513 -19.03 12.58 22.25
CA ALA A 513 -20.39 12.92 22.68
C ALA A 513 -21.33 11.72 22.55
N LEU A 514 -21.18 10.98 21.47
CA LEU A 514 -22.01 9.80 21.27
C LEU A 514 -21.70 8.74 22.34
N LEU A 515 -20.42 8.51 22.60
CA LEU A 515 -20.03 7.52 23.59
C LEU A 515 -20.58 7.88 24.98
N LYS A 516 -20.44 9.14 25.36
CA LYS A 516 -20.91 9.61 26.66
C LYS A 516 -22.43 9.51 26.76
N GLN A 517 -23.10 9.72 25.64
CA GLN A 517 -24.56 9.65 25.60
C GLN A 517 -25.02 8.25 25.97
N LEU A 518 -24.39 7.24 25.36
CA LEU A 518 -24.72 5.85 25.64
C LEU A 518 -24.34 5.45 27.07
N LYS A 519 -23.16 5.90 27.51
CA LYS A 519 -22.69 5.62 28.86
C LYS A 519 -23.63 6.22 29.91
N ALA A 520 -24.13 7.42 29.65
CA ALA A 520 -25.10 8.07 30.54
C ALA A 520 -26.40 7.27 30.69
N ASP A 521 -26.71 6.45 29.70
CA ASP A 521 -27.90 5.60 29.73
C ASP A 521 -27.57 4.26 30.34
N ASN A 522 -26.35 4.13 30.84
CA ASN A 522 -25.94 2.88 31.47
C ASN A 522 -25.92 1.71 30.49
N ILE A 523 -25.61 1.99 29.23
CA ILE A 523 -25.44 0.95 28.23
C ILE A 523 -23.95 0.64 28.08
N PRO A 524 -23.58 -0.64 28.22
CA PRO A 524 -22.18 -1.08 28.06
C PRO A 524 -21.72 -0.77 26.63
N VAL A 525 -20.51 -0.23 26.49
CA VAL A 525 -20.05 0.28 25.20
C VAL A 525 -18.79 -0.43 24.73
N VAL A 526 -18.85 -1.01 23.53
CA VAL A 526 -17.68 -1.58 22.89
C VAL A 526 -17.30 -0.71 21.69
N THR A 527 -16.13 -0.09 21.75
CA THR A 527 -15.73 0.84 20.70
C THR A 527 -14.82 0.17 19.67
N VAL A 528 -15.21 0.25 18.40
CA VAL A 528 -14.36 -0.21 17.31
C VAL A 528 -13.79 1.01 16.60
N PHE A 529 -12.48 1.17 16.66
CA PHE A 529 -11.81 2.39 16.22
C PHE A 529 -11.11 2.17 14.88
N LEU A 530 -11.58 2.88 13.84
CA LEU A 530 -10.97 2.83 12.52
C LEU A 530 -9.99 3.97 12.35
N SER A 531 -8.74 3.66 12.04
CA SER A 531 -7.72 4.69 11.90
C SER A 531 -6.50 4.18 11.16
N GLY A 532 -5.71 5.11 10.63
CA GLY A 532 -4.49 4.73 9.95
C GLY A 532 -3.27 4.79 10.85
N ARG A 533 -3.49 4.96 12.15
CA ARG A 533 -2.39 5.21 13.08
C ARG A 533 -2.93 5.28 14.50
N PRO A 534 -2.09 5.03 15.50
CA PRO A 534 -2.52 5.33 16.86
C PRO A 534 -2.80 6.81 16.95
N LEU A 535 -3.77 7.20 17.78
CA LEU A 535 -4.05 8.62 18.05
C LEU A 535 -4.28 8.75 19.55
N TRP A 536 -4.27 9.98 20.05
CA TRP A 536 -4.51 10.18 21.47
C TRP A 536 -6.01 10.10 21.71
N VAL A 537 -6.43 9.02 22.38
CA VAL A 537 -7.86 8.75 22.58
C VAL A 537 -8.24 8.47 24.04
N ASN A 538 -7.50 9.06 24.99
CA ASN A 538 -7.79 8.81 26.40
C ASN A 538 -9.25 9.07 26.76
N LYS A 539 -9.82 10.16 26.26
CA LYS A 539 -11.21 10.49 26.54
C LYS A 539 -12.15 9.41 26.03
N GLU A 540 -11.93 8.96 24.80
CA GLU A 540 -12.81 7.95 24.23
C GLU A 540 -12.63 6.62 24.93
N LEU A 541 -11.38 6.30 25.29
CA LEU A 541 -11.10 5.09 26.05
C LEU A 541 -11.87 5.08 27.38
N ASN A 542 -11.88 6.23 28.05
CA ASN A 542 -12.57 6.34 29.33
C ASN A 542 -14.09 6.14 29.17
N ALA A 543 -14.62 6.50 28.00
CA ALA A 543 -16.04 6.34 27.73
C ALA A 543 -16.40 4.96 27.16
N SER A 544 -15.44 4.04 27.16
CA SER A 544 -15.63 2.72 26.58
C SER A 544 -15.35 1.63 27.60
N ASP A 545 -16.18 0.58 27.61
CA ASP A 545 -15.89 -0.61 28.40
C ASP A 545 -14.86 -1.49 27.72
N ALA A 546 -14.98 -1.59 26.40
CA ALA A 546 -13.96 -2.24 25.57
C ALA A 546 -13.59 -1.33 24.40
N PHE A 547 -12.36 -1.48 23.89
CA PHE A 547 -11.89 -0.61 22.83
C PHE A 547 -10.98 -1.43 21.92
N VAL A 548 -11.31 -1.49 20.63
CA VAL A 548 -10.56 -2.27 19.65
C VAL A 548 -9.94 -1.36 18.58
N ALA A 549 -8.64 -1.46 18.39
CA ALA A 549 -7.99 -0.81 17.27
C ALA A 549 -8.14 -1.71 16.05
N ALA A 550 -8.98 -1.30 15.11
CA ALA A 550 -9.26 -2.12 13.92
C ALA A 550 -8.51 -1.62 12.68
N TRP A 551 -7.83 -0.48 12.82
CA TRP A 551 -7.03 0.06 11.71
C TRP A 551 -7.92 0.35 10.50
N LEU A 552 -7.49 -0.01 9.30
CA LEU A 552 -8.30 0.18 8.10
C LEU A 552 -8.49 -1.18 7.43
N PRO A 553 -9.45 -1.97 7.93
CA PRO A 553 -9.54 -3.40 7.58
C PRO A 553 -9.84 -3.76 6.13
N GLY A 554 -10.33 -2.83 5.32
CA GLY A 554 -10.58 -3.14 3.91
C GLY A 554 -11.99 -3.63 3.64
N SER A 555 -12.18 -4.49 2.64
CA SER A 555 -13.53 -4.86 2.20
C SER A 555 -14.27 -5.86 3.10
N GLU A 556 -13.51 -6.64 3.87
CA GLU A 556 -14.09 -7.79 4.58
C GLU A 556 -14.44 -7.49 6.04
N GLY A 557 -15.43 -6.63 6.23
CA GLY A 557 -15.81 -6.18 7.56
C GLY A 557 -16.34 -7.25 8.50
N GLU A 558 -16.73 -8.41 7.96
CA GLU A 558 -17.22 -9.48 8.82
C GLU A 558 -16.12 -10.11 9.69
N GLY A 559 -14.87 -9.82 9.35
CA GLY A 559 -13.77 -10.21 10.21
C GLY A 559 -13.89 -9.63 11.61
N VAL A 560 -14.54 -8.48 11.73
CA VAL A 560 -14.76 -7.87 13.04
C VAL A 560 -15.75 -8.70 13.88
N ALA A 561 -16.88 -9.04 13.28
CA ALA A 561 -17.86 -9.92 13.95
C ALA A 561 -17.26 -11.26 14.38
N ASP A 562 -16.41 -11.85 13.53
CA ASP A 562 -15.80 -13.15 13.82
C ASP A 562 -15.09 -13.16 15.18
N VAL A 563 -14.45 -12.05 15.53
CA VAL A 563 -13.71 -11.98 16.79
C VAL A 563 -14.56 -11.43 17.95
N LEU A 564 -15.37 -10.40 17.69
CA LEU A 564 -16.11 -9.74 18.76
C LEU A 564 -17.30 -10.55 19.28
N LEU A 565 -17.88 -11.39 18.43
CA LEU A 565 -19.07 -12.16 18.80
C LEU A 565 -18.74 -13.61 19.15
N THR A 566 -19.52 -14.21 20.04
CA THR A 566 -19.47 -15.66 20.23
C THR A 566 -20.12 -16.31 19.02
N ASN A 567 -20.01 -17.64 18.91
CA ASN A 567 -20.84 -18.38 17.96
C ASN A 567 -22.24 -18.55 18.54
N LYS A 568 -23.08 -19.33 17.84
CA LYS A 568 -24.47 -19.52 18.25
C LYS A 568 -24.60 -20.14 19.64
N GLN A 569 -23.70 -21.07 19.95
CA GLN A 569 -23.73 -21.76 21.24
C GLN A 569 -23.19 -20.90 22.38
N GLY A 570 -22.73 -19.70 22.08
CA GLY A 570 -22.24 -18.80 23.10
C GLY A 570 -20.76 -18.96 23.42
N LYS A 571 -20.04 -19.72 22.60
CA LYS A 571 -18.62 -19.94 22.81
C LYS A 571 -17.77 -19.04 21.92
N THR A 572 -16.54 -18.78 22.35
CA THR A 572 -15.62 -17.97 21.58
C THR A 572 -15.40 -18.63 20.23
N GLN A 573 -15.48 -17.87 19.16
CA GLN A 573 -15.17 -18.43 17.84
C GLN A 573 -13.75 -18.11 17.38
N PHE A 574 -13.35 -16.84 17.52
CA PHE A 574 -11.96 -16.44 17.28
C PHE A 574 -11.51 -15.52 18.42
N ASP A 575 -10.30 -15.73 18.92
CA ASP A 575 -9.76 -14.83 19.95
C ASP A 575 -8.95 -13.76 19.21
N PHE A 576 -8.62 -12.66 19.89
CA PHE A 576 -7.68 -11.68 19.36
C PHE A 576 -6.29 -12.29 19.29
N THR A 577 -5.54 -11.94 18.25
CA THR A 577 -4.16 -12.38 18.11
C THR A 577 -3.22 -11.22 17.79
N GLY A 578 -3.76 -10.12 17.29
CA GLY A 578 -2.95 -8.99 16.88
C GLY A 578 -2.23 -8.31 18.05
N LYS A 579 -1.10 -7.68 17.75
CA LYS A 579 -0.29 -6.96 18.73
C LYS A 579 0.19 -5.66 18.09
N LEU A 580 0.22 -4.58 18.85
CA LEU A 580 0.65 -3.28 18.30
C LEU A 580 1.98 -3.32 17.56
N SER A 581 1.97 -2.83 16.32
CA SER A 581 3.21 -2.61 15.57
C SER A 581 3.64 -1.14 15.56
N PHE A 582 2.83 -0.29 16.19
CA PHE A 582 3.16 1.11 16.44
C PHE A 582 2.84 1.40 17.91
N SER A 583 3.69 2.16 18.58
CA SER A 583 3.46 2.48 19.99
C SER A 583 2.27 3.42 20.16
N TRP A 584 1.46 3.21 21.19
CA TRP A 584 0.26 4.02 21.42
C TRP A 584 0.53 5.11 22.48
N PRO A 585 0.24 6.37 22.13
CA PRO A 585 0.60 7.53 22.96
C PRO A 585 -0.27 7.70 24.21
N LYS A 586 0.36 8.11 25.30
CA LYS A 586 -0.33 8.40 26.57
C LYS A 586 -0.67 9.90 26.69
N TYR A 587 0.09 10.73 25.98
CA TYR A 587 -0.11 12.18 26.02
C TYR A 587 -0.31 12.68 24.60
N ASP A 588 -1.01 13.80 24.45
CA ASP A 588 -1.36 14.28 23.12
C ASP A 588 -0.18 14.88 22.36
N ASP A 589 0.99 14.95 22.99
CA ASP A 589 2.17 15.52 22.35
C ASP A 589 3.35 14.55 22.26
N GLN A 590 3.05 13.26 22.36
CA GLN A 590 4.07 12.23 22.17
C GLN A 590 4.23 11.88 20.70
N PHE A 591 4.84 12.79 19.94
CA PHE A 591 4.86 12.71 18.48
C PHE A 591 5.79 11.65 17.89
N THR A 592 6.90 11.40 18.57
CA THR A 592 7.85 10.41 18.07
C THR A 592 8.13 9.37 19.14
N LEU A 593 7.10 8.58 19.43
CA LEU A 593 7.15 7.57 20.46
C LEU A 593 7.48 6.25 19.78
N ASN A 594 8.70 5.75 19.93
CA ASN A 594 9.12 4.53 19.23
C ASN A 594 9.81 3.52 20.12
N LEU A 595 9.62 2.24 19.84
CA LEU A 595 10.24 1.20 20.66
C LEU A 595 11.76 1.41 20.65
N ASN A 596 12.41 1.10 21.75
CA ASN A 596 13.85 1.32 21.87
C ASN A 596 14.24 2.78 22.14
N ASP A 597 13.25 3.68 22.19
CA ASP A 597 13.55 5.05 22.57
C ASP A 597 14.17 5.09 23.97
N ALA A 598 15.09 6.03 24.20
CA ALA A 598 15.72 6.17 25.50
C ALA A 598 14.68 6.42 26.59
N ASP A 599 13.84 7.43 26.38
CA ASP A 599 12.72 7.68 27.27
C ASP A 599 11.45 7.14 26.62
N TYR A 600 11.02 5.95 27.05
CA TYR A 600 9.89 5.27 26.40
C TYR A 600 8.74 5.09 27.36
N ASP A 601 7.73 5.95 27.22
CA ASP A 601 6.59 5.97 28.15
C ASP A 601 5.24 5.92 27.42
N PRO A 602 4.96 4.83 26.68
CA PRO A 602 3.71 4.73 25.91
C PRO A 602 2.52 4.38 26.80
N LEU A 603 1.30 4.64 26.33
CA LEU A 603 0.13 4.12 27.01
C LEU A 603 0.13 2.60 26.85
N PHE A 604 0.29 2.15 25.61
CA PHE A 604 0.34 0.72 25.32
C PHE A 604 1.55 0.53 24.43
N ALA A 605 2.44 -0.36 24.83
CA ALA A 605 3.73 -0.50 24.15
C ALA A 605 3.61 -1.26 22.83
N TYR A 606 4.59 -1.06 21.97
CA TYR A 606 4.81 -1.96 20.84
C TYR A 606 4.73 -3.38 21.38
N GLY A 607 3.99 -4.25 20.69
CA GLY A 607 3.82 -5.62 21.13
C GLY A 607 2.67 -5.88 22.08
N TYR A 608 2.00 -4.83 22.54
CA TYR A 608 0.85 -4.97 23.45
C TYR A 608 -0.39 -5.42 22.69
N GLY A 609 -1.18 -6.28 23.30
CA GLY A 609 -2.50 -6.63 22.77
C GLY A 609 -3.16 -7.63 23.68
N LEU A 610 -4.34 -7.29 24.20
CA LEU A 610 -5.07 -8.20 25.08
C LEU A 610 -5.68 -9.36 24.30
N THR A 611 -5.97 -10.44 25.01
CA THR A 611 -6.77 -11.52 24.43
C THR A 611 -7.85 -11.89 25.44
N TYR A 612 -8.76 -12.77 25.02
CA TYR A 612 -9.83 -13.21 25.90
C TYR A 612 -9.31 -14.03 27.08
N GLN A 613 -8.05 -14.49 27.00
CA GLN A 613 -7.44 -15.22 28.11
C GLN A 613 -6.98 -14.29 29.23
N ASP A 614 -6.86 -13.00 28.93
CA ASP A 614 -6.47 -12.03 29.95
C ASP A 614 -7.65 -11.60 30.80
N ASN A 615 -7.38 -11.23 32.06
CA ASN A 615 -8.39 -10.62 32.90
C ASN A 615 -7.84 -9.32 33.46
N ILE A 616 -7.55 -8.40 32.56
CA ILE A 616 -6.94 -7.13 32.89
C ILE A 616 -7.95 -6.01 32.68
N ASN A 617 -8.06 -5.11 33.66
CA ASN A 617 -8.88 -3.92 33.49
C ASN A 617 -7.96 -2.73 33.24
N VAL A 618 -8.41 -1.81 32.41
CA VAL A 618 -7.69 -0.55 32.19
C VAL A 618 -8.40 0.55 32.99
N PRO A 619 -7.66 1.25 33.85
CA PRO A 619 -8.31 2.25 34.71
C PRO A 619 -8.66 3.51 33.93
N VAL A 620 -9.46 4.37 34.53
CA VAL A 620 -9.69 5.71 33.98
C VAL A 620 -8.35 6.45 33.80
N LEU A 621 -8.19 7.06 32.64
CA LEU A 621 -6.94 7.67 32.22
C LEU A 621 -7.02 9.18 32.31
N SER A 622 -5.87 9.84 32.42
CA SER A 622 -5.85 11.30 32.43
C SER A 622 -6.40 11.85 31.12
N GLU A 623 -7.24 12.88 31.21
CA GLU A 623 -7.78 13.52 30.02
C GLU A 623 -7.15 14.90 29.79
N LYS A 624 -6.11 15.21 30.57
CA LYS A 624 -5.42 16.48 30.41
C LYS A 624 -4.71 16.55 29.06
N THR A 625 -4.90 17.67 28.36
CA THR A 625 -4.22 17.91 27.09
C THR A 625 -3.19 19.03 27.27
N SER A 626 -2.20 19.09 26.38
CA SER A 626 -1.15 20.08 26.51
C SER A 626 -1.62 21.47 26.07
N PRO A 627 -0.97 22.53 26.58
CA PRO A 627 -1.35 23.90 26.26
C PRO A 627 -0.98 24.28 24.82
CA CA B . 5.92 5.34 16.89
NA NA C . 7.73 -0.09 -31.46
C1 EDO D . -2.68 12.38 -8.51
O1 EDO D . -1.47 12.39 -7.77
C2 EDO D . -3.51 11.17 -8.11
O2 EDO D . -2.70 9.99 -8.26
C1 EDO E . 2.40 19.71 -1.98
O1 EDO E . 3.03 18.47 -2.33
C2 EDO E . 1.27 19.93 -2.99
O2 EDO E . 1.58 19.19 -4.18
#